data_4UO8
#
_entry.id   4UO8
#
_cell.length_a   97.289
_cell.length_b   97.289
_cell.length_c   348.267
_cell.angle_alpha   90.00
_cell.angle_beta   90.00
_cell.angle_gamma   120.00
#
_symmetry.space_group_name_H-M   'P 63 2 2'
#
loop_
_entity.id
_entity.type
_entity.pdbx_description
1 polymer HA1
2 polymer HA2
3 branched 2-acetamido-2-deoxy-beta-D-glucopyranose-(1-4)-2-acetamido-2-deoxy-beta-D-glucopyranose
4 branched alpha-D-mannopyranose-(1-3)-alpha-D-mannopyranose-(1-3)-beta-D-mannopyranose-(1-4)-2-acetamido-2-deoxy-beta-D-glucopyranose-(1-4)-2-acetamido-2-deoxy-beta-D-glucopyranose
5 branched beta-D-mannopyranose-(1-2)-alpha-D-mannopyranose-(1-3)-beta-D-mannopyranose-(1-4)-2-acetamido-2-deoxy-beta-D-glucopyranose-(1-4)-2-acetamido-2-deoxy-beta-D-glucopyranose
6 branched 'N-acetyl-alpha-neuraminic acid-(2-3)-beta-D-galactopyranose-(1-4)-2-acetamido-2-deoxy-6-O-sulfo-beta-D-glucopyranose'
7 non-polymer 2-acetamido-2-deoxy-beta-D-glucopyranose
8 non-polymer 'SULFATE ION'
9 water water
#
loop_
_entity_poly.entity_id
_entity_poly.type
_entity_poly.pdbx_seq_one_letter_code
_entity_poly.pdbx_strand_id
1 'polypeptide(L)'
;QNPISGNNTATLCLGHHAVANGTLVKTMSDDQIEVTNATELVQSISMGKICNKSYRILDGRNCTLIDAMLGDPHCDAFQY
ESWDLFIERSNAFSNCYPYDIPDYASLRSIVASSGTVEFTAEGFTWTGVTQNGRSGACKRGSADSFFSRLNWLTKSGSSY
PTLNVTMPNNKNFDKLYIWGIHHPSSNQEQTKLYIQESGRVTVSTKRSQQTIIPNIGSRPLVRGQSGRISIYWTIVKPGD
ILMINSNGNLVAPRGYFKLNTGKSSVMRSDVPIDICVSECITPNGSISNDKPFQNVNKVTYGKCPKYIRQNTLKLATGMR
NVPEKQTR
;
A
2 'polypeptide(L)'
;GIFGAIAGFIENGWEGMVDGWYGFRYQNSEGTGQAADLKSTQAAIDQINGKLNRVIERTNEKFHQIEKEFSEVEGRIQDL
EKYVEDTKIDLWSYNAELLVALENQHTIDLTDAEMNKLFEKTRRQLRENAEDMGDGCFKIYHKCDNACIESIRTGTYDHY
IYRDEALNNRFQSGR
;
B
#
# COMPACT_ATOMS: atom_id res chain seq x y z
N ASN A 7 -4.49 43.25 -47.93
CA ASN A 7 -5.73 44.00 -48.30
C ASN A 7 -5.72 45.37 -47.61
N ASN A 8 -6.88 45.82 -47.12
CA ASN A 8 -6.97 47.01 -46.27
C ASN A 8 -7.67 46.70 -44.94
N THR A 9 -7.66 45.43 -44.57
CA THR A 9 -8.26 44.93 -43.35
C THR A 9 -7.25 43.97 -42.73
N ALA A 10 -7.69 43.14 -41.80
CA ALA A 10 -6.84 42.10 -41.24
C ALA A 10 -7.72 41.10 -40.50
N THR A 11 -7.32 39.83 -40.52
CA THR A 11 -8.08 38.80 -39.83
C THR A 11 -7.22 38.20 -38.73
N LEU A 12 -7.83 38.00 -37.56
CA LEU A 12 -7.14 37.55 -36.36
C LEU A 12 -7.88 36.36 -35.80
N CYS A 13 -7.22 35.21 -35.84
CA CYS A 13 -7.87 33.95 -35.51
C CYS A 13 -7.40 33.47 -34.17
N LEU A 14 -8.32 32.84 -33.45
CA LEU A 14 -8.02 32.32 -32.14
C LEU A 14 -8.14 30.82 -32.14
N GLY A 15 -7.21 30.16 -31.45
CA GLY A 15 -7.25 28.73 -31.36
C GLY A 15 -6.51 28.15 -30.17
N HIS A 16 -6.38 26.83 -30.23
CA HIS A 16 -5.72 26.05 -29.20
C HIS A 16 -4.97 24.97 -29.94
N HIS A 17 -4.21 24.17 -29.20
CA HIS A 17 -3.29 23.23 -29.81
C HIS A 17 -3.86 21.82 -29.95
N ALA A 18 -3.12 20.97 -30.66
CA ALA A 18 -3.47 19.57 -30.83
C ALA A 18 -2.22 18.73 -31.02
N VAL A 19 -2.32 17.44 -30.72
CA VAL A 19 -1.18 16.55 -30.88
C VAL A 19 -1.51 15.36 -31.76
N ALA A 20 -0.48 14.73 -32.30
CA ALA A 20 -0.62 13.55 -33.16
C ALA A 20 -1.03 12.32 -32.36
N ASN A 21 -0.50 12.18 -31.15
CA ASN A 21 -0.73 10.99 -30.31
C ASN A 21 -1.77 11.20 -29.20
N GLY A 22 -3.02 11.46 -29.58
CA GLY A 22 -4.11 11.65 -28.63
C GLY A 22 -4.46 10.39 -27.83
N THR A 23 -5.32 10.52 -26.83
CA THR A 23 -5.58 9.39 -25.93
C THR A 23 -6.97 9.48 -25.29
N LEU A 24 -7.59 8.33 -25.06
CA LEU A 24 -8.96 8.29 -24.60
C LEU A 24 -9.07 8.25 -23.08
N VAL A 25 -10.04 9.00 -22.56
CA VAL A 25 -10.36 9.03 -21.13
C VAL A 25 -11.86 9.20 -20.95
N LYS A 26 -12.35 8.84 -19.77
CA LYS A 26 -13.76 8.98 -19.45
C LYS A 26 -14.03 10.26 -18.64
N THR A 27 -15.22 10.82 -18.83
CA THR A 27 -15.69 11.96 -18.08
C THR A 27 -17.08 11.63 -17.52
N MET A 28 -17.81 12.63 -17.03
CA MET A 28 -19.18 12.39 -16.61
C MET A 28 -20.13 12.50 -17.79
N SER A 29 -19.64 13.09 -18.87
CA SER A 29 -20.48 13.38 -20.03
C SER A 29 -20.29 12.36 -21.12
N ASP A 30 -19.09 11.78 -21.23
CA ASP A 30 -18.78 10.84 -22.30
C ASP A 30 -18.14 9.59 -21.76
N ASP A 31 -18.45 8.45 -22.37
CA ASP A 31 -17.82 7.19 -22.01
C ASP A 31 -16.36 7.20 -22.45
N GLN A 32 -16.09 7.81 -23.61
CA GLN A 32 -14.74 7.91 -24.19
C GLN A 32 -14.58 9.26 -24.87
N ILE A 33 -13.46 9.92 -24.64
CA ILE A 33 -13.18 11.18 -25.32
C ILE A 33 -11.66 11.40 -25.38
N GLU A 34 -11.20 11.86 -26.54
CA GLU A 34 -9.77 11.98 -26.78
C GLU A 34 -9.21 13.28 -26.19
N VAL A 35 -8.19 13.16 -25.35
CA VAL A 35 -7.50 14.34 -24.81
C VAL A 35 -6.04 14.36 -25.27
N THR A 36 -5.40 15.51 -25.08
CA THR A 36 -4.03 15.72 -25.53
C THR A 36 -3.04 14.86 -24.76
N ASN A 37 -3.38 14.49 -23.53
CA ASN A 37 -2.46 13.77 -22.66
C ASN A 37 -3.19 13.25 -21.43
N ALA A 38 -2.68 12.19 -20.82
CA ALA A 38 -3.29 11.64 -19.61
C ALA A 38 -2.28 10.80 -18.82
N THR A 39 -2.62 10.36 -17.63
CA THR A 39 -1.69 9.59 -16.81
C THR A 39 -2.37 8.41 -16.13
N GLU A 40 -1.63 7.30 -16.01
CA GLU A 40 -2.08 6.14 -15.22
C GLU A 40 -2.12 6.52 -13.76
N LEU A 41 -3.24 6.20 -13.13
CA LEU A 41 -3.42 6.33 -11.70
C LEU A 41 -3.34 4.96 -11.00
N VAL A 42 -3.26 3.87 -11.78
CA VAL A 42 -3.25 2.51 -11.19
C VAL A 42 -1.98 1.77 -11.49
N GLN A 43 -1.22 1.50 -10.43
CA GLN A 43 0.01 0.73 -10.49
C GLN A 43 -0.27 -0.74 -10.70
N SER A 44 -0.08 -1.18 -11.93
CA SER A 44 -0.45 -2.50 -12.40
C SER A 44 0.74 -3.46 -12.35
N ILE A 45 1.93 -2.92 -12.61
CA ILE A 45 3.16 -3.69 -12.69
C ILE A 45 3.91 -3.75 -11.36
N SER A 46 4.35 -4.95 -11.02
CA SER A 46 5.18 -5.23 -9.85
C SER A 46 6.64 -5.31 -10.29
N MET A 47 7.57 -5.17 -9.35
CA MET A 47 9.01 -5.22 -9.66
C MET A 47 9.54 -6.63 -9.88
N GLY A 48 8.77 -7.64 -9.46
CA GLY A 48 9.17 -9.05 -9.60
C GLY A 48 10.09 -9.59 -8.52
N LYS A 49 10.52 -8.72 -7.61
CA LYS A 49 11.44 -9.09 -6.53
C LYS A 49 11.15 -8.15 -5.36
N ILE A 50 11.45 -8.61 -4.14
CA ILE A 50 11.27 -7.79 -2.94
C ILE A 50 12.56 -7.04 -2.62
N CYS A 51 12.52 -5.71 -2.74
CA CYS A 51 13.73 -4.91 -2.55
C CYS A 51 14.31 -5.01 -1.14
N ASN A 52 15.60 -5.26 -1.08
CA ASN A 52 16.27 -5.53 0.19
C ASN A 52 16.37 -4.32 1.08
N LYS A 53 16.19 -3.13 0.52
CA LYS A 53 16.77 -1.96 1.15
C LYS A 53 15.88 -1.19 2.11
N SER A 54 14.92 -0.42 1.59
CA SER A 54 14.37 0.66 2.42
C SER A 54 13.94 0.16 3.79
N TYR A 55 13.16 -0.91 3.85
CA TYR A 55 12.81 -1.54 5.12
C TYR A 55 13.72 -2.72 5.39
N ARG A 56 13.87 -3.06 6.67
CA ARG A 56 14.68 -4.20 7.09
C ARG A 56 13.93 -5.52 6.85
N ILE A 57 14.35 -6.24 5.80
CA ILE A 57 13.69 -7.45 5.35
C ILE A 57 14.43 -8.67 5.89
N LEU A 58 13.70 -9.68 6.34
CA LEU A 58 14.31 -10.92 6.83
C LEU A 58 13.68 -12.12 6.15
N ASP A 59 14.51 -12.92 5.50
CA ASP A 59 14.05 -14.09 4.77
C ASP A 59 14.02 -15.29 5.72
N GLY A 60 12.84 -15.82 5.97
CA GLY A 60 12.68 -16.98 6.83
C GLY A 60 13.21 -18.27 6.23
N ARG A 61 13.37 -18.31 4.91
CA ARG A 61 13.90 -19.49 4.23
C ARG A 61 13.08 -20.70 4.67
N ASN A 62 13.75 -21.73 5.18
CA ASN A 62 13.09 -22.96 5.62
C ASN A 62 12.31 -22.81 6.93
N CYS A 63 12.36 -21.62 7.54
CA CYS A 63 11.76 -21.41 8.85
C CYS A 63 10.52 -20.52 8.85
N THR A 64 9.52 -20.93 9.63
CA THR A 64 8.38 -20.09 9.95
C THR A 64 8.80 -19.15 11.06
N LEU A 65 8.03 -18.08 11.24
CA LEU A 65 8.26 -17.17 12.35
C LEU A 65 8.16 -17.90 13.69
N ILE A 66 7.11 -18.69 13.86
CA ILE A 66 6.91 -19.39 15.11
C ILE A 66 8.06 -20.33 15.42
N ASP A 67 8.46 -21.14 14.45
CA ASP A 67 9.57 -22.08 14.64
C ASP A 67 10.91 -21.41 14.97
N ALA A 68 11.17 -20.24 14.39
CA ALA A 68 12.41 -19.51 14.65
C ALA A 68 12.47 -19.05 16.09
N MET A 69 11.31 -18.68 16.64
CA MET A 69 11.27 -18.16 17.99
C MET A 69 11.24 -19.28 19.04
N LEU A 70 10.64 -20.42 18.73
CA LEU A 70 10.72 -21.60 19.62
C LEU A 70 12.14 -22.19 19.64
N GLY A 71 12.88 -22.03 18.54
CA GLY A 71 14.25 -22.55 18.45
C GLY A 71 14.36 -23.98 17.94
N ASP A 72 13.50 -24.35 16.99
CA ASP A 72 13.67 -25.53 16.15
C ASP A 72 15.12 -25.52 15.63
N PRO A 73 15.93 -26.53 15.98
CA PRO A 73 17.37 -26.44 15.70
C PRO A 73 17.74 -25.88 14.33
N HIS A 74 17.07 -26.33 13.27
CA HIS A 74 17.43 -25.88 11.92
C HIS A 74 17.13 -24.38 11.69
N CYS A 75 16.60 -23.72 12.72
CA CYS A 75 16.34 -22.27 12.71
C CYS A 75 17.24 -21.48 13.67
N ASP A 76 18.29 -22.11 14.19
CA ASP A 76 19.21 -21.41 15.11
C ASP A 76 19.73 -20.08 14.54
N ALA A 77 19.92 -20.02 13.22
CA ALA A 77 20.41 -18.80 12.56
C ALA A 77 19.58 -17.55 12.87
N PHE A 78 18.28 -17.74 13.10
CA PHE A 78 17.35 -16.61 13.29
C PHE A 78 17.28 -16.06 14.72
N GLN A 79 17.86 -16.78 15.68
CA GLN A 79 18.01 -16.20 17.01
C GLN A 79 18.84 -14.93 16.80
N TYR A 80 18.75 -13.98 17.72
CA TYR A 80 19.43 -12.69 17.57
C TYR A 80 18.82 -11.71 16.53
N GLU A 81 17.92 -12.18 15.67
CA GLU A 81 17.42 -11.34 14.57
C GLU A 81 16.15 -10.54 14.89
N SER A 82 16.15 -9.30 14.44
CA SER A 82 14.97 -8.44 14.44
C SER A 82 14.64 -8.14 12.99
N TRP A 83 13.53 -7.45 12.75
CA TRP A 83 13.11 -7.19 11.40
C TRP A 83 12.04 -6.11 11.36
N ASP A 84 11.89 -5.51 10.19
CA ASP A 84 10.70 -4.74 9.85
C ASP A 84 9.70 -5.70 9.22
N LEU A 85 10.13 -6.45 8.21
CA LEU A 85 9.27 -7.43 7.57
C LEU A 85 9.89 -8.83 7.54
N PHE A 86 9.27 -9.78 8.23
CA PHE A 86 9.66 -11.19 8.16
C PHE A 86 8.92 -11.85 6.98
N ILE A 87 9.69 -12.52 6.12
CA ILE A 87 9.16 -13.21 4.94
C ILE A 87 9.06 -14.73 5.13
N GLU A 88 7.83 -15.25 5.13
CA GLU A 88 7.58 -16.69 5.26
C GLU A 88 7.39 -17.37 3.89
N ARG A 89 8.20 -18.39 3.63
CA ARG A 89 8.17 -19.12 2.35
C ARG A 89 7.30 -20.38 2.45
N SER A 90 6.75 -20.82 1.33
CA SER A 90 5.87 -22.00 1.29
C SER A 90 6.59 -23.28 1.69
N ASN A 91 7.79 -23.47 1.14
CA ASN A 91 8.57 -24.68 1.35
C ASN A 91 9.09 -24.87 2.79
N ALA A 92 8.88 -23.87 3.67
CA ALA A 92 9.29 -23.97 5.08
C ALA A 92 8.71 -25.19 5.76
N PHE A 93 9.46 -25.77 6.69
CA PHE A 93 9.03 -26.99 7.38
C PHE A 93 9.48 -27.01 8.82
N SER A 94 8.71 -27.69 9.66
CA SER A 94 9.07 -27.87 11.06
C SER A 94 9.90 -29.13 11.12
N ASN A 95 10.84 -29.19 12.05
CA ASN A 95 11.79 -30.31 12.09
C ASN A 95 12.19 -30.66 13.52
N CYS A 96 11.22 -30.62 14.42
CA CYS A 96 11.47 -30.79 15.84
C CYS A 96 10.28 -31.51 16.46
N TYR A 97 10.12 -31.46 17.78
CA TYR A 97 9.03 -32.19 18.42
C TYR A 97 7.70 -31.72 17.83
N PRO A 98 6.81 -32.67 17.49
CA PRO A 98 5.52 -32.27 16.95
C PRO A 98 4.67 -31.57 18.01
N TYR A 99 3.93 -30.55 17.60
CA TYR A 99 3.26 -29.68 18.53
C TYR A 99 1.99 -29.06 17.95
N ASP A 100 1.25 -28.36 18.81
CA ASP A 100 0.22 -27.42 18.37
C ASP A 100 0.20 -26.18 19.27
N ILE A 101 -0.49 -25.15 18.80
CA ILE A 101 -0.65 -23.90 19.55
C ILE A 101 -2.09 -23.46 19.46
N PRO A 102 -2.84 -23.61 20.55
CA PRO A 102 -4.17 -23.01 20.57
C PRO A 102 -4.05 -21.52 20.26
N ASP A 103 -4.77 -21.06 19.25
CA ASP A 103 -4.67 -19.68 18.81
C ASP A 103 -3.28 -19.36 18.23
N TYR A 104 -2.80 -20.27 17.39
CA TYR A 104 -1.52 -20.10 16.68
C TYR A 104 -1.49 -18.76 15.99
N ALA A 105 -2.53 -18.47 15.23
CA ALA A 105 -2.59 -17.26 14.41
C ALA A 105 -2.31 -15.99 15.22
N SER A 106 -2.81 -15.93 16.46
CA SER A 106 -2.65 -14.75 17.29
C SER A 106 -1.24 -14.61 17.80
N LEU A 107 -0.68 -15.70 18.33
CA LEU A 107 0.71 -15.68 18.76
C LEU A 107 1.65 -15.23 17.63
N ARG A 108 1.45 -15.77 16.43
CA ARG A 108 2.20 -15.34 15.24
C ARG A 108 2.07 -13.82 14.99
N SER A 109 0.84 -13.31 15.14
CA SER A 109 0.57 -11.90 14.94
C SER A 109 1.30 -11.06 15.97
N ILE A 110 1.30 -11.55 17.21
CA ILE A 110 1.89 -10.82 18.32
C ILE A 110 3.40 -10.69 18.13
N VAL A 111 4.07 -11.80 17.80
CA VAL A 111 5.52 -11.82 17.63
C VAL A 111 5.94 -11.04 16.38
N ALA A 112 5.14 -11.14 15.32
CA ALA A 112 5.40 -10.39 14.10
C ALA A 112 5.45 -8.91 14.39
N SER A 113 4.53 -8.42 15.21
CA SER A 113 4.52 -7.00 15.57
C SER A 113 5.71 -6.61 16.44
N SER A 114 6.06 -7.47 17.40
CA SER A 114 7.23 -7.30 18.24
C SER A 114 8.46 -7.03 17.37
N GLY A 115 8.55 -7.72 16.24
CA GLY A 115 9.62 -7.48 15.28
C GLY A 115 10.96 -8.09 15.65
N THR A 116 10.97 -8.96 16.66
CA THR A 116 12.19 -9.66 17.08
C THR A 116 11.85 -10.96 17.79
N VAL A 117 12.80 -11.89 17.74
CA VAL A 117 12.76 -13.13 18.49
C VAL A 117 13.98 -13.26 19.40
N GLU A 118 14.62 -12.13 19.70
CA GLU A 118 15.72 -12.07 20.66
C GLU A 118 15.22 -12.50 22.04
N PHE A 119 15.98 -13.37 22.70
CA PHE A 119 15.58 -14.04 23.95
C PHE A 119 16.44 -13.57 25.10
N THR A 120 15.86 -13.49 26.29
CA THR A 120 16.64 -13.10 27.46
C THR A 120 16.45 -14.18 28.51
N ALA A 121 17.51 -14.95 28.73
CA ALA A 121 17.45 -16.12 29.61
C ALA A 121 17.24 -15.71 31.06
N GLU A 122 16.59 -16.57 31.83
CA GLU A 122 16.34 -16.32 33.25
C GLU A 122 16.63 -17.57 34.07
N GLY A 123 17.11 -17.35 35.30
CA GLY A 123 17.53 -18.46 36.16
C GLY A 123 16.39 -19.08 36.95
N PHE A 124 15.60 -19.93 36.31
CA PHE A 124 14.56 -20.67 37.01
C PHE A 124 15.19 -21.84 37.76
N THR A 125 14.68 -22.12 38.96
CA THR A 125 15.17 -23.24 39.76
C THR A 125 14.10 -24.34 39.82
N TRP A 126 14.43 -25.50 39.27
CA TRP A 126 13.53 -26.66 39.23
C TRP A 126 14.08 -27.79 40.09
N THR A 127 13.96 -27.68 41.42
CA THR A 127 14.44 -28.75 42.30
C THR A 127 13.49 -29.94 42.28
N GLY A 128 14.08 -31.14 42.36
CA GLY A 128 13.32 -32.40 42.39
C GLY A 128 13.30 -33.14 41.06
N VAL A 129 13.43 -32.40 39.97
CA VAL A 129 13.26 -32.94 38.61
C VAL A 129 14.54 -32.81 37.78
N THR A 130 14.56 -33.48 36.65
CA THR A 130 15.69 -33.39 35.73
C THR A 130 15.31 -32.61 34.48
N GLN A 131 16.24 -31.80 34.00
CA GLN A 131 15.97 -30.79 32.97
C GLN A 131 16.52 -31.21 31.61
N ASN A 132 16.21 -30.40 30.60
CA ASN A 132 16.76 -30.56 29.25
C ASN A 132 16.44 -31.90 28.61
N GLY A 133 15.19 -32.34 28.74
CA GLY A 133 14.72 -33.54 28.06
C GLY A 133 14.79 -33.34 26.55
N ARG A 134 15.22 -34.39 25.84
CA ARG A 134 15.45 -34.31 24.39
C ARG A 134 14.65 -35.37 23.64
N SER A 135 14.70 -35.31 22.33
CA SER A 135 13.93 -36.21 21.46
C SER A 135 14.66 -36.49 20.15
N GLY A 136 14.25 -37.57 19.48
CA GLY A 136 14.70 -37.89 18.13
C GLY A 136 14.00 -37.04 17.09
N ALA A 137 13.00 -36.28 17.52
CA ALA A 137 12.24 -35.41 16.64
C ALA A 137 13.05 -34.23 16.11
N CYS A 138 13.75 -33.50 16.99
CA CYS A 138 14.76 -32.51 16.55
C CYS A 138 16.16 -32.94 16.94
N LYS A 139 16.91 -33.40 15.94
CA LYS A 139 18.31 -33.72 16.11
C LYS A 139 19.16 -32.51 15.76
N ARG A 140 19.68 -31.83 16.77
CA ARG A 140 20.66 -30.78 16.57
C ARG A 140 22.00 -31.45 16.23
N GLY A 141 22.33 -31.48 14.94
CA GLY A 141 23.44 -32.29 14.43
C GLY A 141 22.95 -33.71 14.16
N SER A 142 23.61 -34.68 14.77
CA SER A 142 23.12 -36.07 14.78
C SER A 142 22.64 -36.47 16.19
N ALA A 143 22.72 -35.53 17.14
CA ALA A 143 22.33 -35.76 18.53
C ALA A 143 20.86 -35.39 18.76
N ASP A 144 20.20 -36.13 19.66
CA ASP A 144 18.85 -35.77 20.11
C ASP A 144 18.87 -34.38 20.74
N SER A 145 17.78 -33.64 20.56
CA SER A 145 17.66 -32.30 21.09
C SER A 145 16.19 -31.91 21.24
N PHE A 146 15.96 -30.62 21.49
CA PHE A 146 14.62 -30.10 21.74
C PHE A 146 14.65 -28.62 21.36
N PHE A 147 13.49 -27.96 21.39
CA PHE A 147 13.45 -26.52 21.11
C PHE A 147 14.43 -25.83 22.05
N SER A 148 15.22 -24.89 21.55
CA SER A 148 16.24 -24.24 22.39
C SER A 148 15.61 -23.34 23.44
N ARG A 149 14.49 -22.69 23.09
CA ARG A 149 13.79 -21.78 24.02
C ARG A 149 12.91 -22.47 25.07
N LEU A 150 12.73 -23.79 24.97
CA LEU A 150 11.94 -24.53 25.96
C LEU A 150 12.79 -25.56 26.71
N ASN A 151 12.24 -26.04 27.83
CA ASN A 151 12.99 -26.85 28.79
C ASN A 151 12.12 -27.98 29.36
N TRP A 152 12.31 -29.18 28.81
CA TRP A 152 11.46 -30.31 29.12
C TRP A 152 11.85 -30.94 30.47
N LEU A 153 10.93 -30.91 31.42
CA LEU A 153 11.18 -31.43 32.77
C LEU A 153 10.59 -32.83 32.92
N THR A 154 11.41 -33.75 33.40
CA THR A 154 10.99 -35.13 33.68
C THR A 154 11.40 -35.46 35.11
N LYS A 155 10.95 -36.60 35.61
CA LYS A 155 11.19 -36.97 37.01
C LYS A 155 12.64 -37.36 37.29
N SER A 156 13.06 -37.19 38.54
CA SER A 156 14.36 -37.65 39.02
C SER A 156 14.16 -38.66 40.16
N GLY A 157 14.99 -39.71 40.18
CA GLY A 157 14.81 -40.82 41.11
C GLY A 157 13.49 -41.54 40.82
N SER A 158 12.52 -41.33 41.71
CA SER A 158 11.13 -41.67 41.44
C SER A 158 10.26 -40.56 42.03
N SER A 159 10.66 -39.32 41.75
CA SER A 159 10.08 -38.15 42.38
C SER A 159 9.82 -37.06 41.36
N TYR A 160 8.62 -36.51 41.40
CA TYR A 160 8.30 -35.31 40.65
C TYR A 160 7.48 -34.43 41.60
N PRO A 161 8.17 -33.65 42.44
CA PRO A 161 7.46 -32.90 43.47
C PRO A 161 6.66 -31.73 42.90
N THR A 162 5.54 -31.42 43.53
CA THR A 162 4.72 -30.28 43.11
C THR A 162 5.62 -29.07 42.95
N LEU A 163 5.91 -28.72 41.70
CA LEU A 163 6.75 -27.58 41.39
C LEU A 163 6.02 -26.31 41.71
N ASN A 164 6.76 -25.31 42.18
CA ASN A 164 6.18 -24.03 42.53
C ASN A 164 7.28 -22.96 42.46
N VAL A 165 7.37 -22.29 41.32
CA VAL A 165 8.45 -21.34 41.02
C VAL A 165 7.86 -19.97 40.79
N THR A 166 8.59 -18.94 41.22
CA THR A 166 8.13 -17.56 41.18
C THR A 166 9.18 -16.71 40.48
N MET A 167 8.76 -15.78 39.63
CA MET A 167 9.71 -14.96 38.87
C MET A 167 9.16 -13.55 38.58
N PRO A 168 9.63 -12.55 39.34
CA PRO A 168 9.07 -11.20 39.23
C PRO A 168 9.59 -10.41 38.03
N ASN A 169 8.74 -9.54 37.49
CA ASN A 169 9.14 -8.58 36.46
C ASN A 169 9.36 -7.21 37.07
N ASN A 170 10.61 -6.77 37.04
CA ASN A 170 10.97 -5.44 37.51
C ASN A 170 11.48 -4.54 36.39
N LYS A 171 11.54 -5.07 35.16
CA LYS A 171 12.27 -4.43 34.08
C LYS A 171 11.64 -3.14 33.56
N ASN A 172 10.33 -2.98 33.76
CA ASN A 172 9.55 -1.81 33.32
C ASN A 172 8.94 -1.92 31.90
N PHE A 173 8.94 -3.13 31.35
CA PHE A 173 8.20 -3.46 30.13
C PHE A 173 7.55 -4.84 30.27
N ASP A 174 6.65 -5.18 29.36
CA ASP A 174 6.02 -6.49 29.37
C ASP A 174 7.01 -7.58 29.00
N LYS A 175 7.02 -8.67 29.77
CA LYS A 175 7.71 -9.88 29.37
C LYS A 175 6.69 -10.84 28.73
N LEU A 176 7.09 -11.49 27.64
CA LEU A 176 6.26 -12.51 27.01
C LEU A 176 6.88 -13.86 27.30
N TYR A 177 6.24 -14.69 28.11
CA TYR A 177 6.78 -16.02 28.42
C TYR A 177 6.12 -17.07 27.55
N ILE A 178 6.94 -17.94 26.95
CA ILE A 178 6.45 -19.07 26.16
C ILE A 178 6.74 -20.37 26.89
N TRP A 179 5.69 -21.15 27.10
CA TRP A 179 5.79 -22.41 27.84
C TRP A 179 4.86 -23.44 27.23
N GLY A 180 4.78 -24.62 27.83
CA GLY A 180 3.90 -25.66 27.30
C GLY A 180 3.67 -26.85 28.22
N ILE A 181 2.90 -27.81 27.70
CA ILE A 181 2.58 -29.03 28.43
C ILE A 181 2.84 -30.21 27.50
N HIS A 182 3.24 -31.34 28.07
CA HIS A 182 3.50 -32.53 27.28
C HIS A 182 2.31 -33.50 27.29
N HIS A 183 1.94 -33.98 26.11
CA HIS A 183 0.86 -34.96 25.94
C HIS A 183 1.44 -36.33 25.59
N PRO A 184 1.64 -37.19 26.61
CA PRO A 184 2.23 -38.50 26.34
C PRO A 184 1.26 -39.44 25.63
N SER A 185 1.81 -40.51 25.04
CA SER A 185 1.02 -41.41 24.19
C SER A 185 0.28 -42.51 24.96
N SER A 186 0.85 -42.99 26.06
CA SER A 186 0.24 -44.06 26.85
C SER A 186 0.25 -43.74 28.35
N ASN A 187 -0.71 -44.32 29.08
CA ASN A 187 -0.72 -44.22 30.55
C ASN A 187 0.57 -44.73 31.17
N GLN A 188 1.19 -45.71 30.51
CA GLN A 188 2.47 -46.26 30.95
C GLN A 188 3.56 -45.18 30.83
N GLU A 189 3.45 -44.32 29.82
CA GLU A 189 4.40 -43.23 29.61
C GLU A 189 4.19 -42.09 30.60
N GLN A 190 2.92 -41.75 30.86
CA GLN A 190 2.58 -40.67 31.79
C GLN A 190 3.12 -40.92 33.20
N THR A 191 3.11 -42.17 33.66
CA THR A 191 3.72 -42.51 34.95
C THR A 191 5.25 -42.54 34.82
N LYS A 192 5.74 -43.23 33.80
CA LYS A 192 7.19 -43.41 33.58
C LYS A 192 7.97 -42.10 33.67
N LEU A 193 7.49 -41.06 33.00
CA LEU A 193 8.21 -39.78 32.90
C LEU A 193 7.94 -38.84 34.08
N TYR A 194 6.73 -38.92 34.62
CA TYR A 194 6.30 -38.06 35.70
C TYR A 194 5.51 -38.94 36.65
N ILE A 195 5.94 -39.04 37.91
CA ILE A 195 5.45 -40.13 38.76
C ILE A 195 3.92 -40.19 38.88
N GLN A 196 3.27 -39.03 38.86
CA GLN A 196 1.81 -38.95 39.00
C GLN A 196 1.11 -39.54 37.78
N GLU A 197 -0.15 -39.93 37.95
CA GLU A 197 -0.92 -40.54 36.85
C GLU A 197 -1.65 -39.51 35.98
N SER A 198 -1.79 -38.29 36.48
CA SER A 198 -2.26 -37.17 35.66
C SER A 198 -1.47 -35.92 36.04
N GLY A 199 -0.99 -35.20 35.03
CA GLY A 199 -0.23 -33.98 35.24
C GLY A 199 -1.14 -32.77 35.35
N ARG A 200 -0.52 -31.60 35.45
CA ARG A 200 -1.23 -30.33 35.54
C ARG A 200 -0.20 -29.21 35.47
N VAL A 201 -0.55 -28.12 34.79
CA VAL A 201 0.29 -26.93 34.75
C VAL A 201 -0.58 -25.72 35.01
N THR A 202 -0.27 -24.96 36.07
CA THR A 202 -0.99 -23.72 36.42
C THR A 202 -0.04 -22.52 36.41
N VAL A 203 0.08 -21.91 35.24
CA VAL A 203 0.82 -20.67 35.09
C VAL A 203 -0.09 -19.53 35.46
N SER A 204 0.38 -18.64 36.33
CA SER A 204 -0.47 -17.59 36.90
C SER A 204 0.28 -16.29 37.11
N THR A 205 -0.49 -15.22 37.18
CA THR A 205 0.00 -13.93 37.67
C THR A 205 -1.04 -13.42 38.68
N LYS A 206 -1.05 -12.13 38.95
CA LYS A 206 -2.11 -11.52 39.75
C LYS A 206 -3.36 -11.34 38.89
N ARG A 207 -3.16 -10.81 37.68
CA ARG A 207 -4.26 -10.49 36.78
C ARG A 207 -4.91 -11.75 36.22
N SER A 208 -4.09 -12.55 35.55
CA SER A 208 -4.57 -13.71 34.82
C SER A 208 -4.21 -14.98 35.58
N GLN A 209 -4.62 -16.10 35.01
CA GLN A 209 -4.37 -17.42 35.55
C GLN A 209 -4.94 -18.44 34.57
N GLN A 210 -4.16 -19.47 34.25
CA GLN A 210 -4.58 -20.47 33.27
C GLN A 210 -3.96 -21.82 33.60
N THR A 211 -4.81 -22.82 33.84
CA THR A 211 -4.37 -24.18 34.12
C THR A 211 -4.66 -25.07 32.92
N ILE A 212 -3.78 -26.04 32.68
CA ILE A 212 -3.92 -26.95 31.55
C ILE A 212 -3.67 -28.38 32.01
N ILE A 213 -4.68 -29.23 31.84
CA ILE A 213 -4.55 -30.66 32.11
C ILE A 213 -4.02 -31.33 30.84
N PRO A 214 -3.02 -32.21 30.96
CA PRO A 214 -2.49 -32.87 29.77
C PRO A 214 -3.41 -34.00 29.34
N ASN A 215 -3.89 -33.90 28.11
CA ASN A 215 -4.63 -34.98 27.47
C ASN A 215 -3.65 -36.06 27.03
N ILE A 216 -4.15 -37.29 26.91
CA ILE A 216 -3.29 -38.46 26.80
C ILE A 216 -3.84 -39.47 25.77
N GLY A 217 -2.92 -40.13 25.05
CA GLY A 217 -3.30 -41.11 24.01
C GLY A 217 -2.43 -41.07 22.75
N SER A 218 -2.72 -41.99 21.84
CA SER A 218 -1.97 -42.10 20.57
C SER A 218 -2.39 -41.06 19.54
N ARG A 219 -1.40 -40.42 18.94
CA ARG A 219 -1.60 -39.58 17.78
C ARG A 219 -0.78 -40.19 16.64
N PRO A 220 -0.91 -39.67 15.41
CA PRO A 220 -0.10 -40.20 14.32
C PRO A 220 1.38 -39.96 14.53
N LEU A 221 2.21 -40.81 13.92
CA LEU A 221 3.65 -40.64 13.99
C LEU A 221 4.06 -39.45 13.17
N VAL A 222 4.97 -38.67 13.74
CA VAL A 222 5.64 -37.60 13.02
C VAL A 222 7.03 -37.52 13.61
N ARG A 223 8.03 -37.79 12.76
CA ARG A 223 9.43 -37.95 13.17
C ARG A 223 9.51 -38.95 14.31
N GLY A 224 9.04 -40.16 14.03
CA GLY A 224 9.10 -41.29 14.96
C GLY A 224 8.54 -41.01 16.34
N GLN A 225 7.46 -40.22 16.41
CA GLN A 225 6.87 -39.84 17.69
C GLN A 225 5.35 -39.63 17.63
N SER A 226 4.63 -40.33 18.51
CA SER A 226 3.18 -40.21 18.65
C SER A 226 2.79 -39.30 19.82
N GLY A 227 3.78 -38.81 20.57
CA GLY A 227 3.54 -37.82 21.61
C GLY A 227 3.35 -36.45 20.99
N ARG A 228 2.96 -35.46 21.80
CA ARG A 228 2.76 -34.09 21.35
C ARG A 228 3.11 -33.08 22.43
N ILE A 229 3.19 -31.82 22.01
CA ILE A 229 3.40 -30.70 22.92
C ILE A 229 2.50 -29.54 22.51
N SER A 230 1.80 -28.97 23.50
CA SER A 230 0.92 -27.84 23.26
C SER A 230 1.54 -26.60 23.89
N ILE A 231 1.40 -25.46 23.20
CA ILE A 231 2.14 -24.26 23.56
C ILE A 231 1.23 -23.07 23.88
N TYR A 232 1.53 -22.42 25.01
CA TYR A 232 0.76 -21.28 25.47
C TYR A 232 1.70 -20.14 25.80
N TRP A 233 1.16 -18.95 26.00
CA TRP A 233 1.98 -17.82 26.40
C TRP A 233 1.32 -17.05 27.52
N THR A 234 2.10 -16.21 28.19
CA THR A 234 1.60 -15.38 29.27
C THR A 234 2.33 -14.04 29.19
N ILE A 235 1.56 -12.96 29.20
CA ILE A 235 2.11 -11.60 29.24
C ILE A 235 2.18 -11.18 30.70
N VAL A 236 3.32 -10.64 31.13
CA VAL A 236 3.52 -10.30 32.53
C VAL A 236 3.87 -8.83 32.67
N LYS A 237 2.89 -8.04 33.11
CA LYS A 237 3.04 -6.58 33.20
C LYS A 237 4.08 -6.19 34.27
N PRO A 238 4.69 -5.00 34.16
CA PRO A 238 5.70 -4.53 35.11
C PRO A 238 5.23 -4.52 36.55
N GLY A 239 6.04 -5.03 37.47
CA GLY A 239 5.68 -5.09 38.88
C GLY A 239 4.78 -6.26 39.26
N ASP A 240 4.20 -6.92 38.26
CA ASP A 240 3.49 -8.18 38.45
C ASP A 240 4.58 -9.28 38.52
N ILE A 241 4.15 -10.55 38.51
CA ILE A 241 5.03 -11.69 38.77
C ILE A 241 4.49 -12.95 38.09
N LEU A 242 5.39 -13.81 37.62
CA LEU A 242 5.01 -15.08 37.02
C LEU A 242 5.13 -16.17 38.07
N MET A 243 4.12 -17.03 38.16
CA MET A 243 4.16 -18.16 39.11
C MET A 243 3.69 -19.44 38.44
N ILE A 244 4.60 -20.40 38.34
CA ILE A 244 4.32 -21.65 37.65
C ILE A 244 4.18 -22.79 38.65
N ASN A 245 2.99 -23.38 38.69
CA ASN A 245 2.72 -24.50 39.57
C ASN A 245 2.39 -25.73 38.73
N SER A 246 3.05 -26.84 39.04
CA SER A 246 2.87 -28.08 38.27
C SER A 246 3.33 -29.32 39.03
N ASN A 247 2.59 -30.41 38.86
CA ASN A 247 2.98 -31.71 39.42
C ASN A 247 3.07 -32.78 38.34
N GLY A 248 3.39 -32.35 37.12
CA GLY A 248 3.57 -33.25 35.99
C GLY A 248 3.47 -32.56 34.64
N ASN A 249 4.31 -33.00 33.71
CA ASN A 249 4.19 -32.69 32.28
C ASN A 249 4.65 -31.29 31.83
N LEU A 250 5.15 -30.48 32.74
CA LEU A 250 5.53 -29.11 32.41
C LEU A 250 6.67 -29.09 31.38
N VAL A 251 6.47 -28.31 30.31
CA VAL A 251 7.52 -27.94 29.37
C VAL A 251 7.81 -26.49 29.71
N ALA A 252 8.91 -26.26 30.42
CA ALA A 252 9.14 -25.00 31.12
C ALA A 252 9.75 -23.95 30.22
N PRO A 253 9.53 -22.66 30.54
CA PRO A 253 10.20 -21.59 29.84
C PRO A 253 11.63 -21.43 30.37
N ARG A 254 12.52 -20.93 29.51
CA ARG A 254 13.88 -20.58 29.88
C ARG A 254 14.08 -19.08 30.05
N GLY A 255 13.05 -18.29 29.78
CA GLY A 255 13.12 -16.84 29.93
C GLY A 255 12.01 -16.11 29.20
N TYR A 256 12.28 -14.87 28.80
CA TYR A 256 11.27 -14.03 28.18
C TYR A 256 11.70 -13.37 26.89
N PHE A 257 10.70 -13.07 26.09
CA PHE A 257 10.83 -12.18 24.97
C PHE A 257 10.37 -10.81 25.43
N LYS A 258 10.87 -9.80 24.75
CA LYS A 258 10.52 -8.44 25.02
C LYS A 258 9.54 -8.02 23.94
N LEU A 259 8.34 -7.62 24.35
CA LEU A 259 7.34 -7.08 23.42
C LEU A 259 7.69 -5.63 23.13
N ASN A 260 7.60 -5.24 21.86
CA ASN A 260 7.81 -3.86 21.47
C ASN A 260 6.55 -3.37 20.79
N THR A 261 6.24 -2.09 20.97
CA THR A 261 5.20 -1.44 20.17
C THR A 261 5.85 -1.04 18.84
N GLY A 262 6.06 -2.03 17.99
CA GLY A 262 6.83 -1.86 16.77
C GLY A 262 5.96 -1.63 15.55
N LYS A 263 6.62 -1.28 14.46
CA LYS A 263 5.97 -1.14 13.17
C LYS A 263 6.20 -2.40 12.31
N SER A 264 6.54 -3.51 12.96
CA SER A 264 6.98 -4.72 12.27
C SER A 264 5.83 -5.63 11.89
N SER A 265 6.05 -6.43 10.86
CA SER A 265 5.06 -7.40 10.42
C SER A 265 5.69 -8.65 9.83
N VAL A 266 4.82 -9.58 9.43
CA VAL A 266 5.20 -10.79 8.72
C VAL A 266 4.41 -10.82 7.42
N MET A 267 4.95 -11.48 6.39
CA MET A 267 4.26 -11.61 5.11
C MET A 267 4.60 -12.93 4.39
N ARG A 268 3.59 -13.58 3.81
CA ARG A 268 3.81 -14.83 3.06
C ARG A 268 4.15 -14.58 1.60
N SER A 269 5.33 -14.99 1.17
CA SER A 269 5.72 -14.82 -0.23
C SER A 269 6.85 -15.73 -0.66
N ASP A 270 6.86 -16.07 -1.94
CA ASP A 270 7.90 -16.92 -2.52
C ASP A 270 8.86 -16.15 -3.45
N VAL A 271 8.61 -14.86 -3.59
CA VAL A 271 9.37 -14.04 -4.51
C VAL A 271 10.77 -13.83 -3.91
N PRO A 272 11.81 -13.72 -4.76
CA PRO A 272 13.15 -13.56 -4.19
C PRO A 272 13.41 -12.14 -3.72
N ILE A 273 14.38 -11.99 -2.81
CA ILE A 273 14.81 -10.67 -2.36
C ILE A 273 15.99 -10.24 -3.21
N ASP A 274 16.15 -8.94 -3.44
CA ASP A 274 17.20 -8.48 -4.36
C ASP A 274 17.67 -7.06 -4.01
N ILE A 275 18.82 -6.68 -4.57
CA ILE A 275 19.42 -5.37 -4.31
C ILE A 275 18.81 -4.24 -5.15
N CYS A 276 17.53 -3.90 -4.87
CA CYS A 276 16.87 -2.69 -5.40
C CYS A 276 16.36 -1.84 -4.23
N VAL A 277 15.60 -0.77 -4.51
CA VAL A 277 15.04 0.10 -3.48
C VAL A 277 13.55 0.32 -3.70
N SER A 278 12.76 0.27 -2.62
CA SER A 278 11.32 0.53 -2.70
C SER A 278 10.73 0.80 -1.31
N GLU A 279 9.60 1.50 -1.28
CA GLU A 279 8.92 1.84 -0.03
C GLU A 279 7.63 1.06 0.22
N CYS A 280 7.24 0.18 -0.71
CA CYS A 280 6.00 -0.62 -0.58
C CYS A 280 6.18 -2.07 -1.04
N ILE A 281 5.67 -3.01 -0.25
CA ILE A 281 5.89 -4.44 -0.47
C ILE A 281 4.61 -5.26 -0.51
N THR A 282 4.47 -6.07 -1.55
CA THR A 282 3.39 -7.06 -1.67
C THR A 282 4.01 -8.44 -1.81
N PRO A 283 3.20 -9.51 -1.66
CA PRO A 283 3.69 -10.86 -1.90
C PRO A 283 4.22 -11.08 -3.31
N ASN A 284 3.85 -10.20 -4.24
CA ASN A 284 4.32 -10.27 -5.61
C ASN A 284 5.65 -9.58 -5.84
N GLY A 285 6.13 -8.89 -4.81
CA GLY A 285 7.37 -8.14 -4.92
C GLY A 285 7.12 -6.70 -4.58
N SER A 286 8.18 -5.94 -4.46
CA SER A 286 8.08 -4.51 -4.25
C SER A 286 7.32 -3.88 -5.42
N ILE A 287 6.64 -2.77 -5.15
CA ILE A 287 5.98 -1.98 -6.18
C ILE A 287 6.19 -0.51 -5.90
N SER A 288 5.85 0.31 -6.89
CA SER A 288 6.17 1.73 -6.88
C SER A 288 5.10 2.60 -6.18
N ASN A 289 5.59 3.62 -5.49
CA ASN A 289 4.78 4.58 -4.73
C ASN A 289 4.06 5.66 -5.52
N ASP A 290 4.57 5.99 -6.69
CA ASP A 290 4.25 7.26 -7.32
C ASP A 290 2.75 7.47 -7.60
N LYS A 291 2.00 6.38 -7.81
CA LYS A 291 0.55 6.45 -8.10
C LYS A 291 -0.34 6.30 -6.85
N PRO A 292 -1.59 6.79 -6.94
CA PRO A 292 -2.48 6.74 -5.78
C PRO A 292 -3.14 5.37 -5.55
N PHE A 293 -3.36 4.61 -6.62
CA PHE A 293 -3.97 3.30 -6.51
C PHE A 293 -3.07 2.24 -7.11
N GLN A 294 -3.48 0.99 -6.96
CA GLN A 294 -2.65 -0.13 -7.34
C GLN A 294 -3.51 -1.37 -7.41
N ASN A 295 -3.19 -2.25 -8.35
CA ASN A 295 -3.98 -3.46 -8.56
C ASN A 295 -3.16 -4.73 -8.50
N VAL A 296 -2.09 -4.71 -7.69
CA VAL A 296 -1.16 -5.83 -7.64
C VAL A 296 -1.59 -6.84 -6.59
N ASN A 297 -1.97 -6.34 -5.42
CA ASN A 297 -2.32 -7.19 -4.28
C ASN A 297 -2.93 -6.45 -3.08
N LYS A 298 -3.99 -7.01 -2.53
CA LYS A 298 -4.61 -6.46 -1.33
C LYS A 298 -3.69 -6.55 -0.10
N VAL A 299 -2.77 -7.52 -0.11
CA VAL A 299 -1.76 -7.69 0.94
C VAL A 299 -0.62 -6.73 0.64
N THR A 300 -0.36 -5.78 1.54
CA THR A 300 0.74 -4.85 1.39
C THR A 300 1.40 -4.47 2.72
N TYR A 301 2.64 -3.96 2.66
CA TYR A 301 3.32 -3.40 3.83
C TYR A 301 4.15 -2.20 3.42
N GLY A 302 4.05 -1.13 4.21
CA GLY A 302 4.80 0.08 3.96
C GLY A 302 3.94 1.14 3.30
N LYS A 303 4.60 2.10 2.68
CA LYS A 303 3.98 3.28 2.10
C LYS A 303 3.34 2.91 0.76
N CYS A 304 2.14 2.36 0.81
CA CYS A 304 1.56 1.71 -0.36
C CYS A 304 0.36 2.44 -0.96
N PRO A 305 0.23 2.43 -2.30
CA PRO A 305 -1.01 2.90 -2.88
C PRO A 305 -2.22 2.07 -2.43
N LYS A 306 -3.41 2.53 -2.75
CA LYS A 306 -4.62 1.87 -2.28
C LYS A 306 -5.05 0.76 -3.24
N TYR A 307 -5.41 -0.40 -2.70
CA TYR A 307 -5.77 -1.51 -3.56
C TYR A 307 -7.20 -1.35 -4.05
N ILE A 308 -7.38 -1.41 -5.37
CA ILE A 308 -8.71 -1.42 -6.02
C ILE A 308 -8.82 -2.55 -7.03
N ARG A 309 -10.03 -2.78 -7.52
CA ARG A 309 -10.32 -3.90 -8.41
C ARG A 309 -9.83 -3.66 -9.82
N GLN A 310 -9.95 -2.42 -10.28
CA GLN A 310 -9.66 -2.10 -11.67
C GLN A 310 -8.15 -1.98 -11.91
N ASN A 311 -7.71 -2.33 -13.11
CA ASN A 311 -6.27 -2.39 -13.43
C ASN A 311 -5.75 -1.21 -14.24
N THR A 312 -6.66 -0.38 -14.74
CA THR A 312 -6.30 0.89 -15.37
C THR A 312 -7.32 1.99 -15.01
N LEU A 313 -6.81 3.19 -14.78
CA LEU A 313 -7.63 4.40 -14.65
C LEU A 313 -6.84 5.57 -15.18
N LYS A 314 -7.32 6.17 -16.26
CA LYS A 314 -6.62 7.25 -16.93
C LYS A 314 -7.15 8.62 -16.51
N LEU A 315 -6.26 9.45 -15.97
CA LEU A 315 -6.59 10.83 -15.61
C LEU A 315 -6.06 11.79 -16.68
N ALA A 316 -6.95 12.54 -17.33
CA ALA A 316 -6.55 13.49 -18.37
C ALA A 316 -5.71 14.61 -17.79
N THR A 317 -4.65 14.98 -18.49
CA THR A 317 -3.78 16.08 -18.10
C THR A 317 -3.68 17.10 -19.22
N GLY A 318 -4.72 17.18 -20.05
CA GLY A 318 -4.79 18.18 -21.10
C GLY A 318 -6.19 18.34 -21.66
N MET A 319 -6.37 19.32 -22.53
CA MET A 319 -7.67 19.60 -23.14
C MET A 319 -8.08 18.49 -24.10
N ARG A 320 -9.26 18.63 -24.68
CA ARG A 320 -9.70 17.69 -25.67
C ARG A 320 -8.83 17.85 -26.91
N ASN A 321 -8.39 16.74 -27.49
CA ASN A 321 -7.63 16.77 -28.73
C ASN A 321 -8.60 16.75 -29.90
N VAL A 322 -8.58 17.82 -30.70
CA VAL A 322 -9.51 17.92 -31.84
C VAL A 322 -8.71 18.09 -33.13
N PRO A 323 -8.26 16.97 -33.73
CA PRO A 323 -7.52 17.05 -35.00
C PRO A 323 -8.43 17.43 -36.17
N GLU A 324 -7.84 17.64 -37.34
CA GLU A 324 -8.57 18.23 -38.47
C GLU A 324 -9.19 17.20 -39.41
N LYS A 325 -8.34 16.37 -40.01
CA LYS A 325 -8.70 15.49 -41.14
C LYS A 325 -10.07 14.81 -40.99
N GLY B 1 -18.00 20.43 -24.76
CA GLY B 1 -17.79 21.35 -23.60
C GLY B 1 -18.99 22.26 -23.43
N ILE B 2 -19.18 22.75 -22.22
CA ILE B 2 -20.31 23.64 -21.90
C ILE B 2 -20.19 25.00 -22.59
N PHE B 3 -18.97 25.44 -22.86
CA PHE B 3 -18.75 26.72 -23.54
C PHE B 3 -18.77 26.63 -25.07
N GLY B 4 -18.76 25.42 -25.60
CA GLY B 4 -18.87 25.21 -27.04
C GLY B 4 -17.83 25.96 -27.84
N ALA B 5 -16.61 26.04 -27.29
CA ALA B 5 -15.49 26.71 -27.95
C ALA B 5 -14.60 25.65 -28.60
N ILE B 6 -14.02 24.78 -27.77
CA ILE B 6 -13.21 23.67 -28.25
C ILE B 6 -14.15 22.60 -28.77
N ALA B 7 -13.90 22.16 -30.01
CA ALA B 7 -14.79 21.22 -30.68
C ALA B 7 -16.12 21.87 -31.04
N GLY B 8 -16.17 23.20 -30.98
CA GLY B 8 -17.38 23.96 -31.22
C GLY B 8 -17.18 25.01 -32.29
N PHE B 9 -17.25 26.29 -31.88
CA PHE B 9 -17.13 27.38 -32.84
C PHE B 9 -15.70 27.53 -33.34
N ILE B 10 -14.76 26.93 -32.61
CA ILE B 10 -13.41 26.72 -33.10
C ILE B 10 -13.37 25.29 -33.60
N GLU B 11 -13.41 25.16 -34.92
CA GLU B 11 -13.59 23.87 -35.59
C GLU B 11 -12.53 22.81 -35.24
N ASN B 12 -11.27 23.21 -35.04
CA ASN B 12 -10.26 22.26 -34.60
C ASN B 12 -8.98 22.87 -33.98
N GLY B 13 -8.14 21.99 -33.44
CA GLY B 13 -6.89 22.39 -32.80
C GLY B 13 -5.73 22.53 -33.76
N TRP B 14 -4.67 23.19 -33.29
CA TRP B 14 -3.50 23.49 -34.11
C TRP B 14 -2.32 22.62 -33.70
N GLU B 15 -2.01 21.65 -34.56
CA GLU B 15 -0.91 20.73 -34.33
C GLU B 15 0.41 21.47 -34.38
N GLY B 16 0.48 22.49 -35.23
CA GLY B 16 1.70 23.29 -35.39
C GLY B 16 1.87 24.38 -34.34
N MET B 17 1.17 24.28 -33.22
CA MET B 17 1.39 25.20 -32.10
C MET B 17 2.08 24.51 -30.94
N VAL B 18 3.41 24.62 -30.91
CA VAL B 18 4.18 24.04 -29.84
C VAL B 18 4.58 25.09 -28.77
N ASP B 19 4.47 26.38 -29.11
CA ASP B 19 4.69 27.49 -28.14
C ASP B 19 3.88 27.35 -26.86
N GLY B 20 2.59 27.04 -27.00
CA GLY B 20 1.68 26.96 -25.86
C GLY B 20 0.38 26.22 -26.19
N TRP B 21 -0.62 26.39 -25.33
CA TRP B 21 -1.88 25.62 -25.41
C TRP B 21 -2.97 26.39 -26.14
N TYR B 22 -2.97 27.71 -25.97
CA TYR B 22 -3.90 28.60 -26.65
C TYR B 22 -3.09 29.64 -27.40
N GLY B 23 -3.72 30.32 -28.37
CA GLY B 23 -3.00 31.33 -29.12
C GLY B 23 -3.72 31.92 -30.31
N PHE B 24 -2.99 32.74 -31.06
CA PHE B 24 -3.50 33.46 -32.22
C PHE B 24 -2.80 33.06 -33.52
N ARG B 25 -3.56 33.07 -34.61
CA ARG B 25 -2.99 33.16 -35.96
C ARG B 25 -3.58 34.39 -36.61
N TYR B 26 -2.84 34.97 -37.54
CA TYR B 26 -3.28 36.24 -38.13
C TYR B 26 -2.68 36.45 -39.50
N GLN B 27 -3.45 37.14 -40.34
CA GLN B 27 -3.00 37.59 -41.63
C GLN B 27 -3.20 39.11 -41.68
N ASN B 28 -2.26 39.82 -42.28
CA ASN B 28 -2.29 41.28 -42.25
C ASN B 28 -1.40 41.85 -43.34
N SER B 29 -1.11 43.14 -43.27
CA SER B 29 -0.27 43.80 -44.28
C SER B 29 1.15 43.22 -44.39
N GLU B 30 1.66 42.62 -43.31
CA GLU B 30 3.02 42.07 -43.32
C GLU B 30 3.10 40.55 -43.58
N GLY B 31 1.96 39.92 -43.85
CA GLY B 31 1.92 38.49 -44.20
C GLY B 31 1.03 37.72 -43.25
N THR B 32 1.47 36.52 -42.87
CA THR B 32 0.80 35.74 -41.82
C THR B 32 1.76 35.38 -40.70
N GLY B 33 1.21 35.02 -39.56
CA GLY B 33 2.01 34.68 -38.38
C GLY B 33 1.21 33.92 -37.33
N GLN B 34 1.87 33.63 -36.21
CA GLN B 34 1.30 32.83 -35.12
C GLN B 34 2.00 33.13 -33.80
N ALA B 35 1.22 33.12 -32.71
CA ALA B 35 1.74 33.46 -31.38
C ALA B 35 0.91 32.78 -30.31
N ALA B 36 1.57 32.16 -29.34
CA ALA B 36 0.86 31.56 -28.22
C ALA B 36 0.49 32.62 -27.19
N ASP B 37 -0.57 32.36 -26.44
CA ASP B 37 -0.94 33.20 -25.31
C ASP B 37 -0.53 32.51 -24.02
N LEU B 38 0.41 33.14 -23.31
CA LEU B 38 0.97 32.55 -22.10
C LEU B 38 0.01 32.47 -20.91
N LYS B 39 -0.73 33.56 -20.65
CA LYS B 39 -1.60 33.62 -19.47
C LYS B 39 -2.61 32.49 -19.44
N SER B 40 -3.35 32.37 -20.54
CA SER B 40 -4.40 31.35 -20.67
C SER B 40 -3.81 29.95 -20.60
N THR B 41 -2.72 29.73 -21.34
CA THR B 41 -1.99 28.48 -21.23
C THR B 41 -1.64 28.20 -19.76
N GLN B 42 -1.04 29.19 -19.10
CA GLN B 42 -0.55 28.99 -17.73
C GLN B 42 -1.70 28.74 -16.77
N ALA B 43 -2.78 29.49 -16.94
CA ALA B 43 -3.99 29.32 -16.14
C ALA B 43 -4.47 27.88 -16.19
N ALA B 44 -4.49 27.31 -17.39
CA ALA B 44 -4.94 25.95 -17.58
C ALA B 44 -4.01 24.95 -16.92
N ILE B 45 -2.71 25.12 -17.10
CA ILE B 45 -1.74 24.20 -16.55
C ILE B 45 -1.75 24.20 -15.03
N ASP B 46 -1.80 25.39 -14.42
CA ASP B 46 -1.73 25.49 -12.94
C ASP B 46 -2.90 24.78 -12.27
N GLN B 47 -4.04 24.72 -12.97
CA GLN B 47 -5.20 24.01 -12.47
C GLN B 47 -5.04 22.50 -12.61
N ILE B 48 -4.50 22.06 -13.74
CA ILE B 48 -4.29 20.64 -14.03
C ILE B 48 -3.11 20.05 -13.25
N ASN B 49 -2.02 20.82 -13.10
CA ASN B 49 -0.86 20.35 -12.32
C ASN B 49 -1.19 20.14 -10.86
N GLY B 50 -0.90 18.95 -10.34
CA GLY B 50 -1.17 18.62 -8.95
C GLY B 50 -2.64 18.64 -8.58
N LYS B 51 -3.47 18.39 -9.58
CA LYS B 51 -4.93 18.41 -9.45
C LYS B 51 -5.44 17.39 -8.44
N LEU B 52 -4.83 16.21 -8.49
CA LEU B 52 -5.22 15.08 -7.68
C LEU B 52 -4.77 15.25 -6.24
N ASN B 53 -3.66 15.97 -6.04
CA ASN B 53 -3.15 16.24 -4.69
C ASN B 53 -4.13 17.05 -3.83
N ARG B 54 -5.08 17.72 -4.45
CA ARG B 54 -6.04 18.53 -3.70
C ARG B 54 -7.12 17.68 -3.02
N VAL B 55 -7.19 16.39 -3.37
CA VAL B 55 -8.17 15.47 -2.82
C VAL B 55 -7.52 14.30 -2.07
N ILE B 56 -6.60 13.60 -2.74
CA ILE B 56 -5.86 12.49 -2.13
C ILE B 56 -4.62 13.03 -1.44
N GLU B 57 -4.56 12.92 -0.12
CA GLU B 57 -3.38 13.37 0.62
C GLU B 57 -2.17 12.44 0.39
N ARG B 58 -0.98 13.01 0.48
CA ARG B 58 0.28 12.28 0.30
C ARG B 58 0.19 10.92 1.00
N THR B 59 0.44 9.84 0.24
CA THR B 59 0.06 8.48 0.65
C THR B 59 0.87 8.01 1.88
N ASN B 60 0.21 7.29 2.79
CA ASN B 60 0.76 7.05 4.14
C ASN B 60 1.22 5.62 4.47
N GLU B 61 2.20 5.54 5.37
CA GLU B 61 2.76 4.27 5.83
C GLU B 61 1.68 3.49 6.55
N LYS B 62 1.62 2.20 6.28
CA LYS B 62 0.83 1.27 7.07
C LYS B 62 1.60 -0.02 7.19
N PHE B 63 1.55 -0.63 8.36
CA PHE B 63 2.44 -1.73 8.73
C PHE B 63 1.63 -2.99 8.94
N HIS B 64 1.80 -3.67 10.08
CA HIS B 64 1.02 -4.87 10.40
C HIS B 64 -0.48 -4.60 10.31
N GLN B 65 -1.27 -5.60 9.93
CA GLN B 65 -2.70 -5.41 9.67
C GLN B 65 -3.43 -6.71 9.99
N ILE B 66 -4.35 -7.13 9.13
CA ILE B 66 -5.03 -8.42 9.28
C ILE B 66 -4.61 -9.33 8.16
N GLU B 67 -4.69 -10.63 8.41
CA GLU B 67 -4.40 -11.63 7.41
C GLU B 67 -5.54 -11.60 6.38
N LYS B 68 -5.22 -11.92 5.13
CA LYS B 68 -6.17 -11.78 4.00
C LYS B 68 -6.25 -12.97 3.05
N GLU B 69 -5.44 -14.01 3.32
CA GLU B 69 -5.34 -15.24 2.53
C GLU B 69 -5.25 -16.36 3.55
N PHE B 70 -6.15 -17.35 3.50
CA PHE B 70 -6.21 -18.36 4.57
C PHE B 70 -5.96 -19.80 4.12
N SER B 71 -5.17 -20.53 4.92
CA SER B 71 -4.84 -21.94 4.64
C SER B 71 -5.98 -22.91 4.92
N GLU B 72 -6.75 -22.63 5.98
CA GLU B 72 -7.76 -23.56 6.47
C GLU B 72 -9.13 -22.89 6.55
N VAL B 73 -10.18 -23.71 6.67
CA VAL B 73 -11.53 -23.18 6.78
C VAL B 73 -11.89 -23.08 8.27
N GLU B 74 -12.17 -21.86 8.73
CA GLU B 74 -12.37 -21.59 10.15
C GLU B 74 -13.81 -21.23 10.49
N GLY B 75 -14.52 -20.67 9.52
CA GLY B 75 -15.88 -20.22 9.72
C GLY B 75 -15.95 -18.76 10.16
N ARG B 76 -16.65 -18.53 11.26
CA ARG B 76 -17.13 -17.21 11.65
C ARG B 76 -16.09 -16.10 11.60
N ILE B 77 -14.92 -16.29 12.23
CA ILE B 77 -13.95 -15.19 12.29
C ILE B 77 -13.44 -14.88 10.89
N GLN B 78 -13.03 -15.92 10.16
CA GLN B 78 -12.50 -15.73 8.83
C GLN B 78 -13.54 -15.13 7.88
N ASP B 79 -14.80 -15.52 8.01
CA ASP B 79 -15.87 -14.90 7.24
C ASP B 79 -15.83 -13.38 7.41
N LEU B 80 -15.61 -12.96 8.65
CA LEU B 80 -15.62 -11.54 8.98
C LEU B 80 -14.34 -10.85 8.50
N GLU B 81 -13.21 -11.53 8.63
CA GLU B 81 -11.96 -10.98 8.15
C GLU B 81 -12.06 -10.69 6.66
N LYS B 82 -12.68 -11.61 5.92
CA LYS B 82 -12.82 -11.47 4.47
C LYS B 82 -13.79 -10.37 4.11
N TYR B 83 -14.91 -10.32 4.80
CA TYR B 83 -15.95 -9.33 4.53
C TYR B 83 -15.45 -7.93 4.79
N VAL B 84 -14.72 -7.75 5.89
CA VAL B 84 -14.12 -6.46 6.17
C VAL B 84 -13.23 -5.99 5.02
N GLU B 85 -12.39 -6.89 4.52
CA GLU B 85 -11.43 -6.53 3.48
C GLU B 85 -12.16 -6.28 2.20
N ASP B 86 -13.05 -7.20 1.86
CA ASP B 86 -13.88 -7.10 0.66
C ASP B 86 -14.64 -5.79 0.61
N THR B 87 -15.24 -5.41 1.74
CA THR B 87 -15.98 -4.15 1.85
C THR B 87 -15.09 -2.93 1.59
N LYS B 88 -13.88 -2.97 2.14
CA LYS B 88 -12.94 -1.85 2.01
C LYS B 88 -12.52 -1.65 0.55
N ILE B 89 -12.13 -2.74 -0.10
CA ILE B 89 -11.70 -2.67 -1.49
C ILE B 89 -12.79 -2.10 -2.41
N ASP B 90 -14.01 -2.61 -2.27
CA ASP B 90 -15.14 -2.13 -3.09
C ASP B 90 -15.39 -0.64 -2.88
N LEU B 91 -15.33 -0.18 -1.62
CA LEU B 91 -15.54 1.24 -1.32
C LEU B 91 -14.45 2.11 -1.92
N TRP B 92 -13.21 1.65 -1.90
CA TRP B 92 -12.14 2.40 -2.52
C TRP B 92 -12.24 2.36 -4.04
N SER B 93 -12.72 1.24 -4.57
CA SER B 93 -12.82 1.09 -6.03
C SER B 93 -13.84 2.08 -6.57
N TYR B 94 -14.99 2.17 -5.90
CA TYR B 94 -16.00 3.18 -6.22
C TYR B 94 -15.40 4.56 -6.21
N ASN B 95 -14.61 4.84 -5.17
CA ASN B 95 -14.04 6.17 -4.98
C ASN B 95 -13.15 6.56 -6.11
N ALA B 96 -12.31 5.62 -6.56
CA ALA B 96 -11.37 5.92 -7.62
C ALA B 96 -12.13 6.17 -8.91
N GLU B 97 -13.15 5.35 -9.16
CA GLU B 97 -13.89 5.50 -10.39
C GLU B 97 -14.53 6.88 -10.47
N LEU B 98 -15.21 7.25 -9.39
CA LEU B 98 -15.86 8.55 -9.31
C LEU B 98 -14.85 9.70 -9.43
N LEU B 99 -13.75 9.61 -8.70
CA LEU B 99 -12.74 10.66 -8.71
C LEU B 99 -12.23 10.93 -10.11
N VAL B 100 -12.01 9.88 -10.88
CA VAL B 100 -11.51 10.03 -12.25
C VAL B 100 -12.53 10.78 -13.11
N ALA B 101 -13.79 10.38 -13.02
CA ALA B 101 -14.82 10.99 -13.84
C ALA B 101 -14.98 12.48 -13.53
N LEU B 102 -15.03 12.84 -12.24
CA LEU B 102 -15.13 14.25 -11.81
C LEU B 102 -13.99 15.08 -12.35
N GLU B 103 -12.78 14.65 -12.02
CA GLU B 103 -11.61 15.41 -12.37
C GLU B 103 -11.57 15.61 -13.88
N ASN B 104 -11.80 14.54 -14.62
CA ASN B 104 -11.70 14.63 -16.06
C ASN B 104 -12.78 15.54 -16.61
N GLN B 105 -13.99 15.43 -16.09
CA GLN B 105 -15.06 16.36 -16.46
C GLN B 105 -14.67 17.79 -16.16
N HIS B 106 -14.09 17.99 -14.98
CA HIS B 106 -13.61 19.30 -14.57
C HIS B 106 -12.49 19.79 -15.50
N THR B 107 -11.59 18.90 -15.90
CA THR B 107 -10.44 19.29 -16.73
C THR B 107 -10.88 19.79 -18.11
N ILE B 108 -11.93 19.18 -18.66
CA ILE B 108 -12.47 19.55 -19.95
C ILE B 108 -13.08 20.95 -19.90
N ASP B 109 -14.01 21.14 -18.98
CA ASP B 109 -14.78 22.38 -18.94
C ASP B 109 -13.86 23.56 -18.62
N LEU B 110 -12.88 23.30 -17.77
CA LEU B 110 -11.79 24.21 -17.45
C LEU B 110 -11.09 24.73 -18.72
N THR B 111 -10.66 23.80 -19.56
CA THR B 111 -9.90 24.12 -20.75
C THR B 111 -10.76 24.80 -21.82
N ASP B 112 -12.01 24.35 -21.97
CA ASP B 112 -12.98 25.02 -22.83
C ASP B 112 -13.21 26.46 -22.33
N ALA B 113 -13.26 26.64 -21.02
CA ALA B 113 -13.49 27.96 -20.46
C ALA B 113 -12.31 28.89 -20.75
N GLU B 114 -11.08 28.36 -20.65
CA GLU B 114 -9.90 29.18 -20.99
C GLU B 114 -9.89 29.62 -22.44
N MET B 115 -10.38 28.77 -23.34
CA MET B 115 -10.46 29.15 -24.75
C MET B 115 -11.45 30.28 -24.91
N ASN B 116 -12.64 30.06 -24.38
CA ASN B 116 -13.72 31.04 -24.47
C ASN B 116 -13.36 32.38 -23.85
N LYS B 117 -12.71 32.33 -22.70
CA LYS B 117 -12.26 33.54 -22.01
C LYS B 117 -11.32 34.38 -22.88
N LEU B 118 -10.40 33.70 -23.57
CA LEU B 118 -9.42 34.39 -24.40
C LEU B 118 -10.06 35.01 -25.64
N PHE B 119 -11.05 34.31 -26.20
CA PHE B 119 -11.79 34.84 -27.32
C PHE B 119 -12.60 36.06 -26.89
N GLU B 120 -13.31 35.92 -25.78
CA GLU B 120 -14.16 36.99 -25.30
C GLU B 120 -13.29 38.23 -24.94
N LYS B 121 -12.17 37.98 -24.26
CA LYS B 121 -11.23 39.05 -23.86
C LYS B 121 -10.75 39.83 -25.08
N THR B 122 -10.36 39.08 -26.12
CA THR B 122 -9.92 39.64 -27.39
C THR B 122 -11.02 40.49 -28.04
N ARG B 123 -12.22 39.94 -28.14
CA ARG B 123 -13.37 40.67 -28.71
C ARG B 123 -13.58 42.02 -28.06
N ARG B 124 -13.57 42.03 -26.72
CA ARG B 124 -13.84 43.25 -25.97
C ARG B 124 -12.84 44.36 -26.27
N GLN B 125 -11.61 43.98 -26.60
CA GLN B 125 -10.62 44.95 -27.02
C GLN B 125 -11.00 45.60 -28.33
N LEU B 126 -11.28 44.75 -29.32
CA LEU B 126 -11.60 45.21 -30.69
C LEU B 126 -12.83 46.12 -30.77
N ARG B 127 -13.78 45.95 -29.86
CA ARG B 127 -14.96 46.82 -29.79
C ARG B 127 -15.71 46.86 -31.13
N GLU B 128 -15.98 48.06 -31.66
CA GLU B 128 -16.78 48.21 -32.87
C GLU B 128 -15.95 48.07 -34.14
N ASN B 129 -14.65 47.88 -33.99
CA ASN B 129 -13.75 47.83 -35.14
C ASN B 129 -13.57 46.44 -35.75
N ALA B 130 -14.25 45.43 -35.19
CA ALA B 130 -14.17 44.09 -35.75
C ALA B 130 -15.50 43.36 -35.79
N GLU B 131 -15.50 42.22 -36.46
CA GLU B 131 -16.69 41.41 -36.68
C GLU B 131 -16.33 39.97 -36.30
N ASP B 132 -17.19 39.33 -35.52
CA ASP B 132 -17.02 37.92 -35.14
C ASP B 132 -17.45 37.09 -36.35
N MET B 133 -16.51 36.34 -36.93
CA MET B 133 -16.79 35.61 -38.17
C MET B 133 -17.44 34.24 -37.96
N GLY B 134 -17.41 33.73 -36.74
CA GLY B 134 -17.97 32.40 -36.44
C GLY B 134 -16.91 31.32 -36.33
N ASP B 135 -15.76 31.51 -37.00
CA ASP B 135 -14.64 30.56 -36.96
C ASP B 135 -13.95 30.54 -35.61
N GLY B 136 -14.21 31.57 -34.80
CA GLY B 136 -13.26 32.00 -33.79
C GLY B 136 -12.27 32.97 -34.40
N CYS B 137 -12.63 33.56 -35.54
CA CYS B 137 -11.78 34.56 -36.20
C CYS B 137 -12.46 35.90 -36.25
N PHE B 138 -11.66 36.96 -36.24
CA PHE B 138 -12.15 38.34 -36.22
C PHE B 138 -11.82 39.02 -37.53
N LYS B 139 -12.81 39.61 -38.20
CA LYS B 139 -12.55 40.50 -39.34
C LYS B 139 -12.33 41.90 -38.80
N ILE B 140 -11.08 42.37 -38.86
CA ILE B 140 -10.72 43.70 -38.36
C ILE B 140 -10.81 44.68 -39.53
N TYR B 141 -11.63 45.72 -39.37
CA TYR B 141 -11.95 46.65 -40.46
C TYR B 141 -10.94 47.78 -40.62
N HIS B 142 -9.67 47.52 -40.30
CA HIS B 142 -8.62 48.50 -40.58
C HIS B 142 -7.31 47.82 -40.85
N LYS B 143 -6.35 48.60 -41.35
CA LYS B 143 -4.99 48.10 -41.56
C LYS B 143 -4.36 47.88 -40.19
N CYS B 144 -3.91 46.66 -39.95
CA CYS B 144 -3.38 46.27 -38.65
C CYS B 144 -2.14 45.39 -38.85
N ASP B 145 -0.99 46.05 -38.97
CA ASP B 145 0.29 45.38 -39.16
C ASP B 145 0.69 44.63 -37.89
N ASN B 146 1.91 44.10 -37.85
CA ASN B 146 2.32 43.26 -36.74
C ASN B 146 2.38 43.96 -35.37
N ALA B 147 2.78 45.22 -35.36
CA ALA B 147 2.82 45.99 -34.11
C ALA B 147 1.40 46.23 -33.59
N CYS B 148 0.48 46.50 -34.51
CA CYS B 148 -0.96 46.59 -34.18
C CYS B 148 -1.49 45.26 -33.62
N ILE B 149 -1.09 44.15 -34.23
CA ILE B 149 -1.51 42.84 -33.76
C ILE B 149 -0.92 42.57 -32.38
N GLU B 150 0.39 42.76 -32.21
CA GLU B 150 0.99 42.56 -30.89
C GLU B 150 0.24 43.34 -29.81
N SER B 151 -0.17 44.57 -30.12
CA SER B 151 -0.86 45.40 -29.15
C SER B 151 -2.15 44.73 -28.67
N ILE B 152 -2.85 44.06 -29.57
CA ILE B 152 -4.02 43.28 -29.18
C ILE B 152 -3.59 42.14 -28.29
N ARG B 153 -2.56 41.41 -28.70
CA ARG B 153 -2.07 40.26 -27.95
C ARG B 153 -1.55 40.58 -26.54
N THR B 154 -1.15 41.82 -26.30
CA THR B 154 -0.62 42.26 -25.01
C THR B 154 -1.59 43.19 -24.25
N GLY B 155 -2.84 43.23 -24.69
CA GLY B 155 -3.87 44.03 -24.03
C GLY B 155 -3.74 45.54 -24.13
N THR B 156 -2.94 46.05 -25.07
CA THR B 156 -2.71 47.51 -25.16
C THR B 156 -3.32 48.19 -26.39
N TYR B 157 -4.21 47.50 -27.10
CA TYR B 157 -4.85 48.05 -28.30
C TYR B 157 -5.90 49.13 -27.95
N ASP B 158 -5.82 50.27 -28.63
CA ASP B 158 -6.70 51.41 -28.38
C ASP B 158 -7.63 51.58 -29.59
N HIS B 159 -8.89 51.15 -29.43
CA HIS B 159 -9.87 51.18 -30.52
C HIS B 159 -10.21 52.59 -31.02
N TYR B 160 -10.16 53.60 -30.14
CA TYR B 160 -10.49 54.99 -30.54
C TYR B 160 -9.63 55.42 -31.73
N ILE B 161 -8.35 55.11 -31.68
CA ILE B 161 -7.40 55.46 -32.74
C ILE B 161 -7.87 55.00 -34.12
N TYR B 162 -8.40 53.78 -34.19
CA TYR B 162 -8.76 53.17 -35.46
C TYR B 162 -10.24 53.31 -35.81
N ARG B 163 -11.05 53.79 -34.87
CA ARG B 163 -12.50 53.85 -35.05
C ARG B 163 -12.87 54.46 -36.40
N ASP B 164 -12.37 55.66 -36.66
CA ASP B 164 -12.71 56.38 -37.89
C ASP B 164 -12.42 55.54 -39.13
N GLU B 165 -11.22 54.97 -39.20
CA GLU B 165 -10.82 54.15 -40.34
C GLU B 165 -11.75 52.94 -40.49
N ALA B 166 -12.06 52.30 -39.36
CA ALA B 166 -12.88 51.12 -39.37
C ALA B 166 -14.30 51.43 -39.86
N LEU B 167 -14.82 52.60 -39.47
CA LEU B 167 -16.16 53.05 -39.85
C LEU B 167 -16.27 53.27 -41.35
N ASN B 168 -15.23 53.87 -41.93
CA ASN B 168 -15.20 54.05 -43.37
C ASN B 168 -15.29 52.69 -44.02
N ASN B 169 -14.40 51.80 -43.58
CA ASN B 169 -14.29 50.46 -44.16
C ASN B 169 -15.53 49.59 -43.95
N ARG B 170 -16.12 49.69 -42.77
CA ARG B 170 -17.36 48.97 -42.49
C ARG B 170 -18.48 49.47 -43.39
N PHE B 171 -18.77 50.77 -43.30
CA PHE B 171 -19.92 51.36 -43.96
C PHE B 171 -19.67 51.84 -45.38
N GLN B 172 -18.54 51.45 -45.98
CA GLN B 172 -18.36 51.57 -47.42
C GLN B 172 -19.58 51.12 -48.23
N SER B 173 -20.47 50.32 -47.62
CA SER B 173 -21.70 49.79 -48.27
C SER B 173 -23.04 50.28 -47.63
N GLY B 174 -24.11 49.54 -47.91
CA GLY B 174 -25.47 49.93 -47.58
C GLY B 174 -26.21 50.07 -48.90
N ARG B 175 -26.74 48.95 -49.41
CA ARG B 175 -27.38 48.83 -50.75
C ARG B 175 -26.93 49.86 -51.77
#